data_4TXM
#
_entry.id   4TXM
#
_cell.length_a   79.361
_cell.length_b   84.872
_cell.length_c   87.422
_cell.angle_alpha   90.000
_cell.angle_beta   90.000
_cell.angle_gamma   90.000
#
_symmetry.space_group_name_H-M   'P 21 21 21'
#
loop_
_entity.id
_entity.type
_entity.pdbx_description
1 polymer 'Uridine phosphorylase'
2 non-polymer 'SULFATE ION'
3 non-polymer THYMINE
4 water water
#
_entity_poly.entity_id   1
_entity_poly.type   'polypeptide(L)'
_entity_poly.pdbx_seq_one_letter_code
;MATVQPIVNSHLSELDEDVFHHFGFTTKSFDFKEKFGDVKFVCVCGSSGRIHNFAISMAKLAGLALPVENIAGSHARFVL
YKVDHILFADHGMGIPSALIMLHEVTKLLHYAGCKDVLFIRLGTSGGLGVKPGTIVLSDRCVNTKLEPYNELCILGKPVR
RQTIVDLNTVNELKKLSENLSLECSVVVGGTIAANDFYEEQGRLDGSICTFSKEEKLAFLQSAYEHGIRNMEMEGTAITS
HCYLTGHRAILVCVTAVNRLEGDQITISTDEFTLFAQRPGQLVGEYLKRNNGIIVR
;
_entity_poly.pdbx_strand_id   A,B
#
loop_
_chem_comp.id
_chem_comp.type
_chem_comp.name
_chem_comp.formula
SO4 non-polymer 'SULFATE ION' 'O4 S -2'
TDR non-polymer THYMINE 'C5 H6 N2 O2'
#
# COMPACT_ATOMS: atom_id res chain seq x y z
N VAL A 8 12.20 14.31 -18.64
CA VAL A 8 12.31 15.04 -17.39
C VAL A 8 11.13 15.99 -17.19
N ASN A 9 10.48 15.88 -16.03
CA ASN A 9 9.39 16.78 -15.67
C ASN A 9 9.89 18.22 -15.51
N SER A 10 9.33 19.11 -16.33
CA SER A 10 9.77 20.50 -16.37
C SER A 10 9.52 21.28 -15.07
N HIS A 11 8.51 20.86 -14.32
CA HIS A 11 8.07 21.61 -13.14
C HIS A 11 9.03 21.49 -11.95
N LEU A 12 9.89 20.48 -11.96
CA LEU A 12 10.80 20.27 -10.86
C LEU A 12 11.80 21.42 -10.75
N SER A 13 12.13 22.03 -11.88
CA SER A 13 13.03 23.16 -11.92
C SER A 13 12.45 24.39 -11.21
N GLU A 14 11.12 24.46 -11.16
CA GLU A 14 10.43 25.59 -10.53
C GLU A 14 10.62 25.61 -9.01
N LEU A 15 10.73 24.42 -8.43
CA LEU A 15 10.88 24.30 -6.98
C LEU A 15 12.27 24.72 -6.53
N ASP A 16 12.34 25.63 -5.56
CA ASP A 16 13.60 25.96 -4.93
C ASP A 16 14.05 24.78 -4.08
N GLU A 17 13.08 24.14 -3.44
CA GLU A 17 13.35 22.96 -2.62
C GLU A 17 12.29 21.89 -2.93
N ASP A 18 12.72 20.65 -3.08
CA ASP A 18 11.80 19.54 -3.33
C ASP A 18 11.72 18.64 -2.10
N VAL A 19 10.53 18.58 -1.51
CA VAL A 19 10.31 17.80 -0.29
C VAL A 19 9.81 16.39 -0.62
N PHE A 20 10.57 15.39 -0.19
CA PHE A 20 10.18 14.00 -0.35
C PHE A 20 9.36 13.59 0.87
N HIS A 21 8.06 13.85 0.81
CA HIS A 21 7.17 13.74 1.97
C HIS A 21 7.20 12.36 2.63
N HIS A 22 7.26 11.31 1.82
CA HIS A 22 7.15 9.96 2.34
C HIS A 22 8.50 9.39 2.76
N PHE A 23 9.57 10.08 2.38
CA PHE A 23 10.91 9.68 2.79
C PHE A 23 11.44 10.60 3.90
N GLY A 24 10.74 11.70 4.12
CA GLY A 24 11.05 12.59 5.22
C GLY A 24 12.36 13.34 5.09
N PHE A 25 12.78 13.59 3.86
CA PHE A 25 13.88 14.52 3.63
C PHE A 25 13.56 15.43 2.44
N THR A 26 14.42 16.41 2.22
CA THR A 26 14.29 17.33 1.09
C THR A 26 15.61 17.40 0.35
N THR A 27 15.62 18.13 -0.76
CA THR A 27 16.85 18.33 -1.52
C THR A 27 17.86 19.17 -0.74
N LYS A 28 17.38 19.96 0.21
CA LYS A 28 18.25 20.80 1.02
C LYS A 28 18.89 20.04 2.16
N SER A 29 18.37 18.84 2.43
CA SER A 29 18.87 18.00 3.52
C SER A 29 20.30 17.54 3.28
N PHE A 30 20.62 17.26 2.03
CA PHE A 30 21.98 16.90 1.63
C PHE A 30 22.14 17.05 0.12
N ASP A 31 23.39 17.01 -0.35
CA ASP A 31 23.65 17.09 -1.79
C ASP A 31 23.42 15.73 -2.44
N PHE A 32 22.39 15.64 -3.26
CA PHE A 32 21.95 14.37 -3.84
C PHE A 32 22.99 13.72 -4.75
N LYS A 33 23.68 14.54 -5.54
CA LYS A 33 24.72 14.03 -6.44
C LYS A 33 25.86 13.41 -5.63
N GLU A 34 26.23 14.07 -4.54
CA GLU A 34 27.30 13.57 -3.68
C GLU A 34 26.82 12.39 -2.84
N LYS A 35 25.55 12.44 -2.42
CA LYS A 35 25.00 11.42 -1.55
C LYS A 35 24.62 10.16 -2.32
N PHE A 36 23.97 10.33 -3.47
CA PHE A 36 23.38 9.22 -4.19
C PHE A 36 23.91 9.02 -5.61
N GLY A 37 24.84 9.87 -6.04
CA GLY A 37 25.28 9.88 -7.42
C GLY A 37 25.88 8.59 -7.96
N ASP A 38 26.45 7.77 -7.07
CA ASP A 38 27.10 6.54 -7.47
C ASP A 38 26.12 5.37 -7.64
N VAL A 39 24.88 5.57 -7.20
CA VAL A 39 23.88 4.50 -7.21
C VAL A 39 23.55 4.00 -8.62
N LYS A 40 23.63 2.69 -8.81
CA LYS A 40 23.26 2.06 -10.08
C LYS A 40 22.28 0.91 -9.87
N PHE A 41 22.04 0.58 -8.61
CA PHE A 41 21.05 -0.45 -8.27
C PHE A 41 20.11 0.05 -7.18
N VAL A 42 18.82 -0.25 -7.33
CA VAL A 42 17.84 0.05 -6.31
C VAL A 42 17.03 -1.20 -5.99
N CYS A 43 17.24 -1.75 -4.79
CA CYS A 43 16.55 -2.95 -4.35
C CYS A 43 15.37 -2.62 -3.45
N VAL A 44 14.19 -3.12 -3.81
CA VAL A 44 12.97 -2.78 -3.08
C VAL A 44 12.14 -4.02 -2.72
N CYS A 45 11.39 -3.91 -1.63
CA CYS A 45 10.44 -4.95 -1.26
C CYS A 45 9.36 -4.39 -0.32
N GLY A 46 8.33 -5.18 -0.04
CA GLY A 46 7.20 -4.71 0.74
C GLY A 46 7.48 -4.44 2.20
N SER A 47 8.47 -5.12 2.76
CA SER A 47 8.77 -4.99 4.18
C SER A 47 10.00 -4.14 4.45
N SER A 48 9.87 -3.19 5.37
CA SER A 48 10.99 -2.36 5.77
C SER A 48 12.01 -3.17 6.55
N GLY A 49 11.52 -4.11 7.35
CA GLY A 49 12.38 -4.99 8.12
C GLY A 49 13.22 -5.89 7.24
N ARG A 50 12.60 -6.46 6.21
CA ARG A 50 13.29 -7.37 5.31
C ARG A 50 14.30 -6.66 4.42
N ILE A 51 13.93 -5.50 3.89
CA ILE A 51 14.85 -4.77 3.01
C ILE A 51 16.04 -4.26 3.82
N HIS A 52 15.81 -3.98 5.10
CA HIS A 52 16.90 -3.60 5.98
C HIS A 52 17.79 -4.82 6.24
N ASN A 53 17.16 -5.98 6.34
CA ASN A 53 17.86 -7.25 6.54
C ASN A 53 18.67 -7.67 5.31
N PHE A 54 18.22 -7.28 4.13
CA PHE A 54 18.97 -7.55 2.91
C PHE A 54 20.12 -6.55 2.80
N ALA A 55 19.92 -5.40 3.41
CA ALA A 55 20.87 -4.29 3.31
C ALA A 55 22.13 -4.57 4.09
N ILE A 56 21.96 -5.02 5.32
CA ILE A 56 23.09 -5.32 6.18
C ILE A 56 23.87 -6.51 5.61
N SER A 57 23.13 -7.45 5.03
CA SER A 57 23.72 -8.57 4.32
C SER A 57 24.68 -8.09 3.24
N MET A 58 24.24 -7.11 2.44
CA MET A 58 25.09 -6.56 1.39
C MET A 58 26.26 -5.77 1.98
N ALA A 59 26.01 -5.09 3.08
CA ALA A 59 27.04 -4.28 3.74
C ALA A 59 28.16 -5.15 4.29
N LYS A 60 27.79 -6.29 4.87
CA LYS A 60 28.78 -7.22 5.41
C LYS A 60 29.62 -7.83 4.28
N LEU A 61 28.98 -8.07 3.15
CA LEU A 61 29.67 -8.58 1.97
C LEU A 61 30.59 -7.50 1.39
N ALA A 62 30.13 -6.26 1.42
CA ALA A 62 30.91 -5.14 0.91
C ALA A 62 32.10 -4.82 1.80
N GLY A 63 31.90 -4.91 3.10
CA GLY A 63 32.95 -4.63 4.07
C GLY A 63 32.59 -5.05 5.47
N PRO A 67 26.89 -1.69 10.69
CA PRO A 67 25.50 -1.26 10.87
C PRO A 67 25.02 -0.32 9.76
N VAL A 68 23.94 -0.68 9.09
CA VAL A 68 23.38 0.15 8.03
C VAL A 68 22.37 1.13 8.62
N GLU A 69 22.58 2.42 8.37
CA GLU A 69 21.74 3.45 8.98
C GLU A 69 20.67 3.95 8.01
N ASN A 70 19.49 4.23 8.55
CA ASN A 70 18.37 4.75 7.77
C ASN A 70 18.63 6.17 7.30
N ILE A 71 18.49 6.39 5.99
CA ILE A 71 18.69 7.71 5.41
C ILE A 71 17.41 8.52 5.52
N ALA A 72 16.27 7.83 5.38
CA ALA A 72 14.95 8.47 5.46
C ALA A 72 14.70 9.05 6.85
N GLY A 73 13.74 9.97 6.94
CA GLY A 73 13.40 10.61 8.20
C GLY A 73 12.74 9.66 9.19
N SER A 74 12.67 10.10 10.45
CA SER A 74 12.12 9.28 11.53
C SER A 74 10.63 8.98 11.35
N HIS A 75 9.87 10.02 11.02
CA HIS A 75 8.42 9.87 10.87
C HIS A 75 8.02 9.56 9.43
N ALA A 76 8.99 9.21 8.61
CA ALA A 76 8.74 8.89 7.21
C ALA A 76 7.98 7.58 7.06
N ARG A 77 7.25 7.44 5.95
CA ARG A 77 6.52 6.21 5.67
C ARG A 77 7.45 5.09 5.24
N PHE A 78 8.49 5.45 4.49
CA PHE A 78 9.44 4.48 3.95
C PHE A 78 10.81 4.59 4.57
N VAL A 79 11.59 3.52 4.46
CA VAL A 79 12.99 3.53 4.89
C VAL A 79 13.90 3.64 3.68
N LEU A 80 15.13 4.09 3.91
CA LEU A 80 16.09 4.21 2.83
C LEU A 80 17.50 3.91 3.31
N TYR A 81 18.15 2.96 2.64
CA TYR A 81 19.50 2.57 2.99
C TYR A 81 20.40 2.62 1.77
N LYS A 82 21.71 2.68 1.99
CA LYS A 82 22.67 2.69 0.89
C LYS A 82 23.90 1.85 1.23
N VAL A 83 24.25 0.95 0.31
CA VAL A 83 25.49 0.19 0.41
C VAL A 83 26.22 0.26 -0.93
N ASP A 84 27.37 0.94 -0.94
CA ASP A 84 28.12 1.20 -2.15
C ASP A 84 27.21 1.80 -3.24
N HIS A 85 27.05 1.09 -4.35
CA HIS A 85 26.26 1.61 -5.46
C HIS A 85 24.82 1.12 -5.41
N ILE A 86 24.39 0.63 -4.25
CA ILE A 86 23.04 0.11 -4.11
C ILE A 86 22.19 0.93 -3.16
N LEU A 87 20.98 1.27 -3.60
CA LEU A 87 20.00 1.92 -2.75
C LEU A 87 18.95 0.89 -2.31
N PHE A 88 18.55 0.95 -1.05
CA PHE A 88 17.54 0.05 -0.51
C PHE A 88 16.36 0.84 0.04
N ALA A 89 15.15 0.44 -0.33
CA ALA A 89 13.93 1.08 0.16
C ALA A 89 12.75 0.11 0.18
N ASP A 90 11.77 0.37 1.03
CA ASP A 90 10.56 -0.45 1.04
C ASP A 90 9.44 0.30 0.31
N HIS A 91 8.42 -0.42 -0.12
CA HIS A 91 7.37 0.20 -0.94
C HIS A 91 5.96 -0.17 -0.52
N GLY A 92 5.82 -0.77 0.67
CA GLY A 92 4.51 -1.20 1.14
C GLY A 92 3.91 -2.26 0.24
N MET A 93 2.59 -2.37 0.25
CA MET A 93 1.90 -3.36 -0.58
C MET A 93 0.91 -2.71 -1.54
N GLY A 94 1.01 -3.06 -2.82
CA GLY A 94 0.08 -2.55 -3.81
C GLY A 94 0.69 -1.51 -4.72
N ILE A 95 0.10 -1.37 -5.92
CA ILE A 95 0.58 -0.42 -6.92
C ILE A 95 0.59 1.04 -6.44
N PRO A 96 -0.51 1.53 -5.81
CA PRO A 96 -0.48 2.92 -5.34
C PRO A 96 0.69 3.20 -4.40
N SER A 97 0.93 2.33 -3.43
CA SER A 97 2.03 2.51 -2.50
C SER A 97 3.38 2.41 -3.22
N ALA A 98 3.50 1.44 -4.12
CA ALA A 98 4.73 1.28 -4.90
C ALA A 98 5.02 2.53 -5.74
N LEU A 99 3.97 3.10 -6.32
CA LEU A 99 4.10 4.30 -7.14
C LEU A 99 4.59 5.50 -6.32
N ILE A 100 4.20 5.54 -5.05
CA ILE A 100 4.70 6.58 -4.15
C ILE A 100 6.21 6.46 -4.01
N MET A 101 6.67 5.24 -3.75
CA MET A 101 8.10 4.96 -3.68
C MET A 101 8.78 5.28 -5.02
N LEU A 102 8.16 4.85 -6.11
CA LEU A 102 8.74 5.01 -7.43
C LEU A 102 8.92 6.47 -7.83
N HIS A 103 7.92 7.28 -7.57
CA HIS A 103 8.00 8.70 -7.92
C HIS A 103 9.12 9.39 -7.16
N GLU A 104 9.22 9.15 -5.87
CA GLU A 104 10.19 9.87 -5.04
C GLU A 104 11.61 9.33 -5.22
N VAL A 105 11.76 8.03 -5.45
CA VAL A 105 13.08 7.47 -5.68
C VAL A 105 13.64 7.90 -7.03
N THR A 106 12.81 7.85 -8.07
CA THR A 106 13.26 8.23 -9.41
C THR A 106 13.55 9.73 -9.50
N LYS A 107 12.85 10.52 -8.69
CA LYS A 107 13.18 11.94 -8.57
C LYS A 107 14.53 12.08 -7.89
N LEU A 108 14.77 11.25 -6.89
CA LEU A 108 16.05 11.23 -6.18
C LEU A 108 17.18 10.92 -7.16
N LEU A 109 16.96 9.93 -8.02
CA LEU A 109 17.96 9.55 -9.01
C LEU A 109 18.22 10.70 -9.98
N HIS A 110 17.16 11.44 -10.31
CA HIS A 110 17.27 12.59 -11.21
C HIS A 110 18.18 13.67 -10.63
N TYR A 111 17.90 14.07 -9.40
CA TYR A 111 18.69 15.09 -8.71
C TYR A 111 20.12 14.62 -8.46
N ALA A 112 20.30 13.31 -8.34
CA ALA A 112 21.61 12.74 -8.02
C ALA A 112 22.46 12.55 -9.28
N GLY A 113 21.85 12.67 -10.44
CA GLY A 113 22.55 12.48 -11.69
C GLY A 113 22.72 11.01 -12.03
N CYS A 114 21.79 10.19 -11.58
CA CYS A 114 21.85 8.74 -11.79
C CYS A 114 21.16 8.32 -13.09
N LYS A 115 21.91 7.67 -13.97
CA LYS A 115 21.39 7.24 -15.26
C LYS A 115 21.35 5.72 -15.38
N ASP A 116 20.31 5.21 -16.04
CA ASP A 116 20.19 3.78 -16.36
C ASP A 116 20.37 2.89 -15.12
N VAL A 117 19.62 3.20 -14.08
CA VAL A 117 19.67 2.45 -12.83
C VAL A 117 18.77 1.23 -12.92
N LEU A 118 19.20 0.12 -12.33
CA LEU A 118 18.39 -1.09 -12.31
C LEU A 118 17.61 -1.21 -11.01
N PHE A 119 16.28 -1.18 -11.14
CA PHE A 119 15.39 -1.46 -10.00
C PHE A 119 15.18 -2.96 -9.86
N ILE A 120 15.35 -3.48 -8.65
CA ILE A 120 15.12 -4.90 -8.39
C ILE A 120 14.12 -5.09 -7.25
N ARG A 121 12.94 -5.61 -7.57
CA ARG A 121 11.97 -5.92 -6.53
C ARG A 121 12.17 -7.34 -6.00
N LEU A 122 12.41 -7.43 -4.69
CA LEU A 122 12.61 -8.70 -4.00
C LEU A 122 11.41 -9.07 -3.14
N GLY A 123 10.33 -9.52 -3.77
CA GLY A 123 9.10 -9.72 -3.03
C GLY A 123 8.71 -11.15 -2.74
N THR A 124 7.51 -11.28 -2.18
CA THR A 124 6.87 -12.57 -2.00
C THR A 124 5.66 -12.63 -2.91
N SER A 125 5.19 -13.83 -3.22
CA SER A 125 4.10 -13.99 -4.17
C SER A 125 3.39 -15.33 -3.98
N GLY A 126 2.25 -15.49 -4.66
CA GLY A 126 1.60 -16.77 -4.73
C GLY A 126 2.09 -17.46 -5.98
N GLY A 127 2.47 -18.73 -5.87
CA GLY A 127 2.96 -19.46 -7.01
C GLY A 127 1.85 -20.13 -7.81
N LEU A 128 2.11 -20.33 -9.09
CA LEU A 128 1.20 -21.07 -9.96
C LEU A 128 1.92 -22.26 -10.59
N GLY A 129 1.65 -23.45 -10.08
CA GLY A 129 2.24 -24.65 -10.63
C GLY A 129 3.70 -24.84 -10.25
N VAL A 130 4.13 -24.17 -9.20
CA VAL A 130 5.51 -24.32 -8.70
C VAL A 130 5.52 -24.59 -7.20
N LYS A 131 6.60 -25.22 -6.75
CA LYS A 131 6.78 -25.56 -5.35
C LYS A 131 6.94 -24.30 -4.49
N PRO A 132 6.29 -24.28 -3.31
CA PRO A 132 6.49 -23.16 -2.38
C PRO A 132 7.97 -22.96 -2.06
N GLY A 133 8.43 -21.71 -2.06
CA GLY A 133 9.83 -21.41 -1.84
C GLY A 133 10.61 -21.30 -3.13
N THR A 134 9.90 -21.36 -4.26
CA THR A 134 10.53 -21.23 -5.56
C THR A 134 10.74 -19.77 -5.94
N ILE A 135 11.94 -19.46 -6.44
CA ILE A 135 12.21 -18.11 -6.93
C ILE A 135 11.74 -17.97 -8.37
N VAL A 136 10.87 -16.99 -8.62
CA VAL A 136 10.40 -16.74 -9.98
C VAL A 136 10.97 -15.44 -10.52
N LEU A 137 11.70 -15.55 -11.63
CA LEU A 137 12.19 -14.38 -12.34
C LEU A 137 11.16 -14.01 -13.39
N SER A 138 10.50 -12.87 -13.18
CA SER A 138 9.47 -12.41 -14.10
C SER A 138 10.07 -12.11 -15.46
N ASP A 139 9.54 -12.71 -16.52
CA ASP A 139 9.95 -12.33 -17.88
C ASP A 139 8.91 -11.41 -18.48
N ARG A 140 7.83 -11.18 -17.74
CA ARG A 140 6.83 -10.18 -18.07
C ARG A 140 5.92 -9.92 -16.87
N CYS A 141 5.42 -8.69 -16.77
CA CYS A 141 4.50 -8.32 -15.70
C CYS A 141 3.16 -7.89 -16.29
N VAL A 142 2.09 -8.59 -15.91
CA VAL A 142 0.79 -8.36 -16.50
C VAL A 142 -0.28 -8.15 -15.44
N ASN A 143 -1.41 -7.56 -15.84
CA ASN A 143 -2.52 -7.38 -14.91
C ASN A 143 -3.37 -8.64 -14.83
N THR A 144 -4.50 -8.56 -14.16
CA THR A 144 -5.35 -9.73 -13.95
C THR A 144 -6.02 -10.21 -15.24
N LYS A 145 -5.95 -9.39 -16.29
CA LYS A 145 -6.46 -9.80 -17.60
C LYS A 145 -5.31 -10.25 -18.49
N LEU A 146 -4.14 -10.46 -17.87
CA LEU A 146 -2.92 -10.89 -18.57
C LEU A 146 -2.45 -9.86 -19.60
N GLU A 147 -2.77 -8.59 -19.36
CA GLU A 147 -2.32 -7.51 -20.23
C GLU A 147 -1.03 -6.90 -19.71
N PRO A 148 -0.05 -6.71 -20.59
CA PRO A 148 1.27 -6.17 -20.22
C PRO A 148 1.24 -4.64 -20.03
N TYR A 149 0.34 -4.17 -19.18
CA TYR A 149 0.21 -2.73 -18.96
C TYR A 149 -0.14 -2.41 -17.51
N ASN A 150 0.28 -1.23 -17.06
CA ASN A 150 -0.25 -0.65 -15.84
C ASN A 150 -1.29 0.39 -16.21
N GLU A 151 -2.42 0.38 -15.52
CA GLU A 151 -3.48 1.33 -15.81
C GLU A 151 -3.52 2.43 -14.75
N LEU A 152 -3.66 3.67 -15.21
CA LEU A 152 -3.76 4.81 -14.31
C LEU A 152 -4.89 5.72 -14.75
N CYS A 153 -5.37 6.54 -13.83
CA CYS A 153 -6.38 7.53 -14.15
C CYS A 153 -5.86 8.91 -13.80
N ILE A 154 -5.42 9.65 -14.82
CA ILE A 154 -4.76 10.93 -14.60
C ILE A 154 -5.67 12.08 -15.01
N LEU A 155 -6.02 12.93 -14.04
CA LEU A 155 -7.00 13.99 -14.21
C LEU A 155 -8.33 13.44 -14.71
N GLY A 156 -8.69 12.25 -14.23
CA GLY A 156 -9.94 11.63 -14.62
C GLY A 156 -9.89 10.97 -15.99
N LYS A 157 -8.70 10.94 -16.59
CA LYS A 157 -8.55 10.37 -17.93
C LYS A 157 -7.75 9.07 -17.90
N PRO A 158 -8.25 8.04 -18.62
CA PRO A 158 -7.61 6.72 -18.64
C PRO A 158 -6.27 6.72 -19.37
N VAL A 159 -5.25 6.14 -18.73
CA VAL A 159 -3.92 6.06 -19.31
C VAL A 159 -3.35 4.64 -19.13
N ARG A 160 -2.73 4.11 -20.19
CA ARG A 160 -2.10 2.79 -20.12
C ARG A 160 -0.61 2.90 -20.38
N ARG A 161 0.20 2.24 -19.55
CA ARG A 161 1.65 2.24 -19.72
C ARG A 161 2.18 0.81 -19.75
N GLN A 162 2.77 0.43 -20.88
CA GLN A 162 3.24 -0.94 -21.09
C GLN A 162 4.39 -1.27 -20.13
N THR A 163 4.41 -2.51 -19.66
CA THR A 163 5.45 -2.95 -18.75
C THR A 163 6.61 -3.56 -19.51
N ILE A 164 7.82 -3.17 -19.13
CA ILE A 164 9.02 -3.70 -19.77
C ILE A 164 9.97 -4.28 -18.72
N VAL A 165 10.18 -5.59 -18.79
CA VAL A 165 11.13 -6.28 -17.92
C VAL A 165 12.50 -6.31 -18.58
N ASP A 166 13.54 -6.08 -17.77
CA ASP A 166 14.92 -6.15 -18.26
C ASP A 166 15.35 -7.60 -18.45
N LEU A 167 15.04 -8.15 -19.63
CA LEU A 167 15.26 -9.57 -19.92
C LEU A 167 16.73 -9.97 -19.94
N ASN A 168 17.62 -9.04 -20.30
CA ASN A 168 19.04 -9.35 -20.32
C ASN A 168 19.55 -9.62 -18.91
N THR A 169 19.08 -8.83 -17.96
CA THR A 169 19.43 -9.03 -16.55
C THR A 169 18.77 -10.29 -16.01
N VAL A 170 17.54 -10.56 -16.45
CA VAL A 170 16.83 -11.78 -16.08
C VAL A 170 17.63 -13.01 -16.50
N ASN A 171 18.08 -13.00 -17.76
CA ASN A 171 18.86 -14.09 -18.32
C ASN A 171 20.15 -14.29 -17.55
N GLU A 172 20.82 -13.20 -17.20
CA GLU A 172 22.05 -13.27 -16.44
C GLU A 172 21.80 -13.84 -15.05
N LEU A 173 20.65 -13.51 -14.46
CA LEU A 173 20.27 -14.05 -13.17
C LEU A 173 19.97 -15.54 -13.24
N LYS A 174 19.29 -15.96 -14.29
CA LYS A 174 18.99 -17.37 -14.49
C LYS A 174 20.27 -18.18 -14.66
N LYS A 175 21.17 -17.69 -15.50
CA LYS A 175 22.44 -18.38 -15.75
C LYS A 175 23.29 -18.42 -14.48
N LEU A 176 23.20 -17.37 -13.67
CA LEU A 176 23.92 -17.33 -12.40
C LEU A 176 23.42 -18.42 -11.44
N SER A 177 22.11 -18.58 -11.37
CA SER A 177 21.50 -19.56 -10.47
C SER A 177 21.99 -20.98 -10.77
N GLU A 178 22.30 -21.22 -12.04
CA GLU A 178 22.81 -22.51 -12.49
C GLU A 178 24.25 -22.74 -12.02
N ASN A 179 24.96 -21.64 -11.77
CA ASN A 179 26.32 -21.72 -11.25
C ASN A 179 26.33 -21.66 -9.72
N LEU A 180 25.15 -21.51 -9.14
CA LEU A 180 25.00 -21.52 -7.69
C LEU A 180 24.33 -22.81 -7.24
N SER A 181 24.36 -23.09 -5.95
CA SER A 181 23.66 -24.23 -5.39
C SER A 181 22.62 -23.79 -4.38
N LEU A 182 21.65 -23.02 -4.84
CA LEU A 182 20.55 -22.56 -4.00
C LEU A 182 19.62 -23.72 -3.65
N GLU A 183 19.09 -23.71 -2.44
CA GLU A 183 18.20 -24.78 -1.98
C GLU A 183 16.77 -24.56 -2.47
N CYS A 184 16.63 -24.15 -3.73
CA CYS A 184 15.33 -23.92 -4.34
C CYS A 184 15.47 -23.84 -5.86
N SER A 185 14.34 -23.84 -6.55
CA SER A 185 14.35 -23.71 -8.00
C SER A 185 14.26 -22.24 -8.41
N VAL A 186 14.93 -21.90 -9.50
CA VAL A 186 14.81 -20.58 -10.09
C VAL A 186 14.13 -20.71 -11.45
N VAL A 187 12.93 -20.13 -11.56
CA VAL A 187 12.12 -20.30 -12.76
C VAL A 187 11.83 -18.97 -13.44
N VAL A 188 11.94 -18.96 -14.77
CA VAL A 188 11.58 -17.78 -15.55
C VAL A 188 10.16 -17.92 -16.06
N GLY A 189 9.30 -16.95 -15.71
CA GLY A 189 7.91 -17.00 -16.09
C GLY A 189 7.18 -15.70 -15.83
N GLY A 190 5.97 -15.57 -16.36
CA GLY A 190 5.20 -14.35 -16.24
C GLY A 190 4.68 -14.11 -14.84
N THR A 191 4.33 -12.86 -14.55
CA THR A 191 3.87 -12.48 -13.22
C THR A 191 2.64 -11.57 -13.26
N ILE A 192 1.58 -11.96 -12.56
CA ILE A 192 0.38 -11.15 -12.48
C ILE A 192 0.43 -10.19 -11.29
N ALA A 193 0.16 -8.92 -11.55
CA ALA A 193 0.00 -7.94 -10.47
C ALA A 193 -1.48 -7.65 -10.25
N ALA A 194 -1.92 -7.76 -9.01
CA ALA A 194 -3.33 -7.55 -8.67
C ALA A 194 -3.51 -6.41 -7.67
N ASN A 195 -4.70 -5.81 -7.67
CA ASN A 195 -5.01 -4.69 -6.79
C ASN A 195 -5.74 -5.14 -5.53
N ASP A 196 -5.49 -6.39 -5.14
CA ASP A 196 -6.11 -6.99 -3.96
C ASP A 196 -5.38 -8.30 -3.69
N PHE A 197 -5.38 -8.74 -2.43
CA PHE A 197 -4.71 -9.98 -2.07
C PHE A 197 -5.67 -11.17 -2.19
N TYR A 198 -6.97 -10.89 -2.10
CA TYR A 198 -7.96 -11.96 -2.06
C TYR A 198 -8.74 -12.12 -3.35
N GLU A 199 -9.76 -11.30 -3.55
CA GLU A 199 -10.69 -11.49 -4.67
C GLU A 199 -10.03 -11.40 -6.03
N GLU A 200 -9.20 -10.38 -6.24
CA GLU A 200 -8.54 -10.19 -7.53
C GLU A 200 -7.51 -11.27 -7.80
N GLN A 201 -7.02 -11.90 -6.74
CA GLN A 201 -6.08 -13.01 -6.89
C GLN A 201 -6.81 -14.35 -6.90
N GLY A 202 -8.14 -14.27 -6.95
CA GLY A 202 -8.97 -15.45 -7.07
C GLY A 202 -9.04 -16.31 -5.82
N ARG A 203 -8.73 -15.71 -4.68
CA ARG A 203 -8.80 -16.45 -3.41
C ARG A 203 -10.24 -16.68 -3.00
N LEU A 204 -10.50 -17.83 -2.38
CA LEU A 204 -11.84 -18.17 -1.92
C LEU A 204 -12.04 -17.79 -0.46
N ASP A 205 -10.95 -17.44 0.22
CA ASP A 205 -11.00 -17.21 1.65
C ASP A 205 -10.94 -15.73 2.04
N GLY A 206 -11.50 -14.88 1.20
CA GLY A 206 -11.64 -13.47 1.53
C GLY A 206 -12.91 -13.24 2.31
N SER A 207 -13.11 -12.02 2.78
CA SER A 207 -14.35 -11.68 3.48
C SER A 207 -15.51 -11.68 2.51
N ILE A 208 -15.20 -11.46 1.23
CA ILE A 208 -16.17 -11.51 0.16
C ILE A 208 -15.68 -12.44 -0.94
N CYS A 209 -16.57 -13.27 -1.47
CA CYS A 209 -16.23 -14.13 -2.61
C CYS A 209 -17.46 -14.37 -3.48
N THR A 210 -17.41 -13.86 -4.70
CA THR A 210 -18.56 -13.91 -5.59
C THR A 210 -18.42 -15.00 -6.65
N PHE A 211 -17.41 -15.85 -6.50
CA PHE A 211 -17.19 -16.91 -7.48
C PHE A 211 -17.01 -18.28 -6.85
N SER A 212 -17.05 -19.30 -7.69
CA SER A 212 -16.93 -20.69 -7.26
C SER A 212 -15.50 -21.20 -7.38
N LYS A 213 -15.25 -22.37 -6.79
CA LYS A 213 -13.94 -23.01 -6.90
C LYS A 213 -13.62 -23.33 -8.35
N GLU A 214 -14.65 -23.76 -9.09
CA GLU A 214 -14.50 -24.10 -10.50
C GLU A 214 -14.08 -22.87 -11.32
N GLU A 215 -14.78 -21.76 -11.10
CA GLU A 215 -14.47 -20.49 -11.77
C GLU A 215 -13.08 -19.99 -11.40
N LYS A 216 -12.71 -20.21 -10.14
CA LYS A 216 -11.40 -19.84 -9.65
C LYS A 216 -10.29 -20.55 -10.40
N LEU A 217 -10.39 -21.88 -10.45
CA LEU A 217 -9.35 -22.70 -11.06
C LEU A 217 -9.28 -22.45 -12.56
N ALA A 218 -10.42 -22.18 -13.18
CA ALA A 218 -10.46 -21.86 -14.60
C ALA A 218 -9.61 -20.62 -14.88
N PHE A 219 -9.65 -19.68 -13.94
CA PHE A 219 -8.88 -18.45 -14.03
C PHE A 219 -7.39 -18.71 -13.80
N LEU A 220 -7.07 -19.41 -12.73
CA LEU A 220 -5.68 -19.68 -12.37
C LEU A 220 -5.01 -20.66 -13.32
N GLN A 221 -5.72 -21.70 -13.74
CA GLN A 221 -5.17 -22.68 -14.67
C GLN A 221 -4.86 -22.03 -16.01
N SER A 222 -5.78 -21.21 -16.49
CA SER A 222 -5.58 -20.47 -17.74
C SER A 222 -4.36 -19.56 -17.62
N ALA A 223 -4.19 -18.94 -16.47
CA ALA A 223 -3.03 -18.09 -16.22
C ALA A 223 -1.76 -18.92 -16.31
N TYR A 224 -1.76 -20.09 -15.65
CA TYR A 224 -0.60 -20.97 -15.65
C TYR A 224 -0.22 -21.41 -17.07
N GLU A 225 -1.23 -21.75 -17.86
CA GLU A 225 -0.98 -22.23 -19.22
C GLU A 225 -0.60 -21.09 -20.16
N HIS A 226 -0.67 -19.86 -19.66
CA HIS A 226 -0.22 -18.69 -20.41
C HIS A 226 1.20 -18.29 -20.01
N GLY A 227 1.83 -19.12 -19.19
CA GLY A 227 3.20 -18.87 -18.76
C GLY A 227 3.33 -18.21 -17.39
N ILE A 228 2.21 -17.80 -16.82
CA ILE A 228 2.23 -17.15 -15.51
C ILE A 228 2.67 -18.15 -14.43
N ARG A 229 3.67 -17.77 -13.65
CA ARG A 229 4.19 -18.65 -12.62
C ARG A 229 4.00 -18.08 -11.22
N ASN A 230 3.72 -16.79 -11.11
CA ASN A 230 3.39 -16.23 -9.80
C ASN A 230 2.47 -15.02 -9.86
N MET A 231 2.13 -14.52 -8.68
CA MET A 231 1.12 -13.48 -8.54
C MET A 231 1.44 -12.59 -7.35
N GLU A 232 1.55 -11.29 -7.59
CA GLU A 232 1.86 -10.33 -6.53
C GLU A 232 1.08 -9.04 -6.77
N MET A 233 1.57 -7.91 -6.26
CA MET A 233 0.74 -6.71 -6.25
C MET A 233 1.43 -5.40 -6.67
N GLU A 234 2.66 -5.47 -7.17
CA GLU A 234 3.37 -4.23 -7.53
C GLU A 234 4.08 -4.30 -8.88
N GLY A 235 4.14 -5.49 -9.48
CA GLY A 235 4.94 -5.71 -10.68
C GLY A 235 4.69 -4.78 -11.84
N THR A 236 3.42 -4.57 -12.18
CA THR A 236 3.06 -3.76 -13.34
C THR A 236 3.43 -2.29 -13.15
N ALA A 237 3.43 -1.84 -11.92
CA ALA A 237 3.80 -0.45 -11.62
C ALA A 237 5.30 -0.25 -11.80
N ILE A 238 6.09 -1.13 -11.20
CA ILE A 238 7.53 -1.01 -11.24
C ILE A 238 8.11 -1.13 -12.64
N THR A 239 7.63 -2.12 -13.39
CA THR A 239 8.19 -2.40 -14.71
C THR A 239 7.61 -1.51 -15.80
N SER A 240 6.68 -0.64 -15.44
CA SER A 240 6.17 0.36 -16.38
C SER A 240 6.81 1.71 -16.08
N HIS A 241 6.93 2.03 -14.80
CA HIS A 241 7.42 3.33 -14.35
C HIS A 241 8.89 3.55 -14.66
N CYS A 242 9.71 2.53 -14.40
CA CYS A 242 11.15 2.65 -14.55
C CYS A 242 11.54 2.85 -16.00
N TYR A 243 10.97 2.04 -16.89
CA TYR A 243 11.22 2.15 -18.32
C TYR A 243 10.86 3.55 -18.81
N LEU A 244 9.79 4.11 -18.27
CA LEU A 244 9.32 5.42 -18.68
C LEU A 244 10.21 6.53 -18.15
N THR A 245 10.95 6.26 -17.08
CA THR A 245 11.84 7.26 -16.49
C THR A 245 13.31 7.03 -16.85
N GLY A 246 13.56 6.14 -17.80
CA GLY A 246 14.90 5.92 -18.31
C GLY A 246 15.71 4.90 -17.53
N HIS A 247 15.01 4.03 -16.80
CA HIS A 247 15.68 3.05 -15.96
C HIS A 247 15.26 1.63 -16.33
N ARG A 248 15.80 0.66 -15.61
CA ARG A 248 15.48 -0.74 -15.85
C ARG A 248 14.89 -1.39 -14.60
N ALA A 249 14.10 -2.44 -14.79
CA ALA A 249 13.44 -3.08 -13.68
C ALA A 249 13.32 -4.59 -13.87
N ILE A 250 13.47 -5.32 -12.78
CA ILE A 250 13.22 -6.76 -12.76
C ILE A 250 12.48 -7.14 -11.47
N LEU A 251 11.75 -8.26 -11.51
CA LEU A 251 11.15 -8.83 -10.31
C LEU A 251 11.80 -10.16 -9.98
N VAL A 252 12.26 -10.29 -8.74
CA VAL A 252 12.77 -11.54 -8.22
C VAL A 252 11.96 -11.88 -6.98
N CYS A 253 10.92 -12.69 -7.16
CA CYS A 253 9.99 -12.99 -6.08
C CYS A 253 9.94 -14.47 -5.74
N VAL A 254 9.98 -14.78 -4.46
CA VAL A 254 9.80 -16.14 -3.99
C VAL A 254 8.31 -16.42 -3.83
N THR A 255 7.92 -17.68 -3.98
CA THR A 255 6.53 -18.07 -3.79
C THR A 255 6.32 -18.63 -2.38
N ALA A 256 5.16 -18.38 -1.80
CA ALA A 256 4.89 -18.80 -0.44
C ALA A 256 3.78 -19.83 -0.39
N VAL A 257 3.22 -20.12 -1.56
CA VAL A 257 2.10 -21.05 -1.68
C VAL A 257 1.88 -21.38 -3.15
N ASN A 258 1.43 -22.59 -3.44
CA ASN A 258 1.01 -22.92 -4.80
C ASN A 258 -0.49 -22.69 -4.92
N ARG A 259 -0.85 -21.64 -5.63
CA ARG A 259 -2.25 -21.20 -5.74
C ARG A 259 -3.11 -22.17 -6.52
N LEU A 260 -2.49 -23.12 -7.21
CA LEU A 260 -3.24 -24.14 -7.91
C LEU A 260 -3.68 -25.25 -6.94
N GLU A 261 -3.19 -25.18 -5.71
CA GLU A 261 -3.57 -26.16 -4.70
C GLU A 261 -4.31 -25.52 -3.52
N GLY A 262 -3.94 -24.30 -3.17
CA GLY A 262 -4.55 -23.65 -2.02
C GLY A 262 -4.50 -22.14 -2.05
N ASP A 263 -5.13 -21.51 -1.05
CA ASP A 263 -5.13 -20.06 -0.93
C ASP A 263 -4.39 -19.61 0.33
N GLN A 264 -4.60 -20.36 1.41
CA GLN A 264 -4.03 -20.04 2.71
C GLN A 264 -2.50 -20.09 2.71
N ILE A 265 -1.89 -19.20 3.48
CA ILE A 265 -0.46 -19.26 3.72
C ILE A 265 -0.23 -20.12 4.96
N THR A 266 0.01 -21.41 4.73
CA THR A 266 0.06 -22.40 5.80
C THR A 266 1.44 -22.58 6.39
N ILE A 267 2.47 -22.20 5.64
CA ILE A 267 3.84 -22.34 6.12
C ILE A 267 4.07 -21.48 7.35
N SER A 268 4.93 -21.95 8.25
CA SER A 268 5.19 -21.26 9.51
C SER A 268 5.84 -19.89 9.28
N THR A 269 5.87 -19.09 10.34
CA THR A 269 6.46 -17.75 10.28
C THR A 269 7.95 -17.83 9.99
N ASP A 270 8.61 -18.81 10.60
CA ASP A 270 10.04 -19.03 10.38
C ASP A 270 10.33 -19.45 8.94
N GLU A 271 9.52 -20.38 8.43
CA GLU A 271 9.70 -20.87 7.07
C GLU A 271 9.46 -19.74 6.06
N PHE A 272 8.50 -18.88 6.35
CA PHE A 272 8.21 -17.75 5.47
C PHE A 272 9.40 -16.80 5.41
N THR A 273 9.98 -16.52 6.57
CA THR A 273 11.16 -15.67 6.66
C THR A 273 12.29 -16.22 5.79
N LEU A 274 12.53 -17.52 5.92
CA LEU A 274 13.58 -18.18 5.15
C LEU A 274 13.28 -18.11 3.65
N PHE A 275 12.02 -18.37 3.30
CA PHE A 275 11.58 -18.27 1.90
C PHE A 275 11.79 -16.84 1.38
N ALA A 276 11.37 -15.86 2.17
CA ALA A 276 11.45 -14.46 1.77
C ALA A 276 12.89 -13.99 1.61
N GLN A 277 13.81 -14.66 2.29
CA GLN A 277 15.22 -14.29 2.22
C GLN A 277 15.91 -14.88 0.99
N ARG A 278 15.22 -15.76 0.28
CA ARG A 278 15.82 -16.44 -0.88
C ARG A 278 16.10 -15.53 -2.08
N PRO A 279 15.17 -14.60 -2.42
CA PRO A 279 15.52 -13.69 -3.53
C PRO A 279 16.80 -12.90 -3.26
N GLY A 280 17.04 -12.56 -1.99
CA GLY A 280 18.26 -11.87 -1.61
C GLY A 280 19.51 -12.70 -1.83
N GLN A 281 19.39 -14.02 -1.67
CA GLN A 281 20.52 -14.93 -1.86
C GLN A 281 21.02 -14.88 -3.29
N LEU A 282 20.09 -14.91 -4.24
CA LEU A 282 20.43 -14.86 -5.66
C LEU A 282 20.94 -13.47 -6.07
N VAL A 283 20.14 -12.45 -5.79
CA VAL A 283 20.45 -11.09 -6.19
C VAL A 283 21.69 -10.57 -5.49
N GLY A 284 21.86 -10.95 -4.22
CA GLY A 284 23.02 -10.55 -3.45
C GLY A 284 24.31 -11.04 -4.08
N GLU A 285 24.29 -12.25 -4.63
CA GLU A 285 25.43 -12.80 -5.34
C GLU A 285 25.62 -12.09 -6.67
N TYR A 286 24.50 -11.74 -7.31
CA TYR A 286 24.52 -11.01 -8.57
C TYR A 286 25.13 -9.62 -8.39
N LEU A 287 24.70 -8.94 -7.34
CA LEU A 287 25.19 -7.60 -7.03
C LEU A 287 26.68 -7.61 -6.69
N LYS A 288 27.12 -8.66 -6.01
CA LYS A 288 28.52 -8.79 -5.63
C LYS A 288 29.39 -8.94 -6.87
N ARG A 289 28.85 -9.57 -7.91
CA ARG A 289 29.62 -9.85 -9.12
C ARG A 289 29.44 -8.79 -10.20
N ASN A 290 28.47 -7.90 -10.02
CA ASN A 290 28.19 -6.88 -11.02
C ASN A 290 28.40 -5.46 -10.50
N ASN A 291 29.43 -5.28 -9.70
CA ASN A 291 29.84 -3.98 -9.17
C ASN A 291 28.73 -3.30 -8.35
N GLY A 292 27.83 -4.09 -7.78
CA GLY A 292 26.85 -3.56 -6.86
C GLY A 292 27.57 -3.10 -5.60
N ILE A 293 28.46 -3.95 -5.10
CA ILE A 293 29.30 -3.60 -3.97
C ILE A 293 30.77 -3.76 -4.33
N ILE A 294 31.64 -3.19 -3.51
CA ILE A 294 33.09 -3.32 -3.72
C ILE A 294 33.69 -4.31 -2.72
N ILE B 7 -24.25 -12.72 1.50
CA ILE B 7 -23.63 -11.73 2.36
C ILE B 7 -22.44 -12.37 3.07
N VAL B 8 -22.50 -13.69 3.22
CA VAL B 8 -21.47 -14.43 3.93
C VAL B 8 -20.79 -15.44 3.01
N ASN B 9 -19.48 -15.32 2.88
CA ASN B 9 -18.68 -16.22 2.03
C ASN B 9 -18.67 -17.62 2.64
N SER B 10 -19.31 -18.56 1.95
CA SER B 10 -19.49 -19.90 2.49
C SER B 10 -18.21 -20.73 2.55
N HIS B 11 -17.22 -20.37 1.74
CA HIS B 11 -15.97 -21.12 1.67
C HIS B 11 -15.21 -21.10 2.99
N LEU B 12 -15.51 -20.12 3.83
CA LEU B 12 -14.81 -19.94 5.09
C LEU B 12 -15.04 -21.12 6.04
N SER B 13 -16.26 -21.66 6.03
CA SER B 13 -16.61 -22.79 6.89
C SER B 13 -15.86 -24.05 6.48
N GLU B 14 -15.46 -24.12 5.22
CA GLU B 14 -14.72 -25.27 4.70
C GLU B 14 -13.33 -25.35 5.30
N LEU B 15 -12.85 -24.23 5.82
CA LEU B 15 -11.52 -24.16 6.41
C LEU B 15 -11.53 -24.53 7.89
N ASP B 16 -10.69 -25.50 8.25
CA ASP B 16 -10.56 -25.90 9.66
C ASP B 16 -9.88 -24.78 10.44
N GLU B 17 -8.94 -24.10 9.80
CA GLU B 17 -8.24 -22.98 10.41
C GLU B 17 -8.05 -21.87 9.38
N ASP B 18 -8.24 -20.63 9.81
CA ASP B 18 -8.10 -19.48 8.92
C ASP B 18 -6.88 -18.65 9.31
N VAL B 19 -5.91 -18.55 8.41
CA VAL B 19 -4.68 -17.83 8.67
C VAL B 19 -4.78 -16.36 8.26
N PHE B 20 -4.76 -15.48 9.25
CA PHE B 20 -4.69 -14.05 8.97
C PHE B 20 -3.25 -13.67 8.69
N HIS B 21 -2.83 -13.93 7.45
CA HIS B 21 -1.44 -13.81 7.04
C HIS B 21 -0.80 -12.47 7.39
N HIS B 22 -1.47 -11.39 7.04
CA HIS B 22 -0.89 -10.06 7.22
C HIS B 22 -1.00 -9.52 8.64
N PHE B 23 -1.74 -10.23 9.49
CA PHE B 23 -1.84 -9.85 10.90
C PHE B 23 -1.06 -10.82 11.78
N GLY B 24 -0.68 -11.96 11.21
CA GLY B 24 0.21 -12.89 11.89
C GLY B 24 -0.41 -13.78 12.95
N PHE B 25 -1.72 -14.02 12.85
CA PHE B 25 -2.36 -15.01 13.73
C PHE B 25 -3.44 -15.79 12.97
N THR B 26 -4.05 -16.76 13.64
CA THR B 26 -5.08 -17.59 13.04
C THR B 26 -6.34 -17.61 13.91
N THR B 27 -7.33 -18.39 13.49
CA THR B 27 -8.56 -18.54 14.26
C THR B 27 -8.34 -19.42 15.49
N LYS B 28 -7.22 -20.14 15.50
CA LYS B 28 -6.87 -20.97 16.64
C LYS B 28 -5.99 -20.20 17.62
N SER B 29 -5.64 -18.96 17.26
CA SER B 29 -4.81 -18.12 18.10
C SER B 29 -5.58 -17.63 19.32
N PHE B 30 -6.83 -17.24 19.11
CA PHE B 30 -7.68 -16.77 20.20
C PHE B 30 -9.11 -17.29 20.06
N ASP B 31 -9.93 -17.03 21.08
CA ASP B 31 -11.36 -17.28 21.00
C ASP B 31 -12.03 -16.01 20.48
N PHE B 32 -12.31 -15.98 19.18
CA PHE B 32 -12.76 -14.78 18.50
C PHE B 32 -14.08 -14.23 19.04
N LYS B 33 -15.07 -15.10 19.21
CA LYS B 33 -16.36 -14.68 19.77
C LYS B 33 -16.18 -14.11 21.17
N GLU B 34 -15.30 -14.72 21.95
CA GLU B 34 -15.07 -14.29 23.33
C GLU B 34 -14.20 -13.04 23.39
N LYS B 35 -13.15 -12.98 22.56
CA LYS B 35 -12.19 -11.90 22.62
C LYS B 35 -12.64 -10.62 21.89
N PHE B 36 -13.33 -10.78 20.78
CA PHE B 36 -13.67 -9.63 19.95
C PHE B 36 -15.17 -9.39 19.82
N GLY B 37 -15.99 -10.27 20.39
CA GLY B 37 -17.43 -10.21 20.24
C GLY B 37 -18.09 -8.90 20.63
N ASP B 38 -17.37 -8.10 21.42
CA ASP B 38 -17.89 -6.83 21.93
C ASP B 38 -17.57 -5.67 21.00
N VAL B 39 -16.63 -5.89 20.08
CA VAL B 39 -16.14 -4.81 19.23
C VAL B 39 -17.28 -4.16 18.46
N LYS B 40 -17.42 -2.85 18.66
CA LYS B 40 -18.37 -2.05 17.92
C LYS B 40 -17.65 -0.93 17.17
N PHE B 41 -16.35 -0.78 17.41
CA PHE B 41 -15.59 0.24 16.68
C PHE B 41 -14.24 -0.26 16.18
N VAL B 42 -13.89 0.13 14.95
CA VAL B 42 -12.57 -0.14 14.37
C VAL B 42 -11.98 1.13 13.77
N CYS B 43 -10.94 1.66 14.41
CA CYS B 43 -10.26 2.86 13.94
C CYS B 43 -8.98 2.52 13.19
N VAL B 44 -8.85 3.06 11.97
CA VAL B 44 -7.71 2.73 11.14
C VAL B 44 -7.05 3.97 10.52
N CYS B 45 -5.79 3.83 10.14
CA CYS B 45 -5.07 4.84 9.38
C CYS B 45 -3.84 4.21 8.73
N GLY B 46 -3.10 4.99 7.96
CA GLY B 46 -1.98 4.46 7.21
C GLY B 46 -0.70 4.21 7.99
N SER B 47 -0.60 4.79 9.18
CA SER B 47 0.61 4.65 9.99
C SER B 47 0.38 3.83 11.24
N SER B 48 1.23 2.83 11.45
CA SER B 48 1.17 2.01 12.65
C SER B 48 1.52 2.83 13.89
N GLY B 49 2.49 3.73 13.73
CA GLY B 49 2.92 4.59 14.81
C GLY B 49 1.81 5.50 15.30
N ARG B 50 1.08 6.09 14.36
CA ARG B 50 0.00 7.02 14.71
C ARG B 50 -1.20 6.29 15.30
N ILE B 51 -1.57 5.16 14.71
CA ILE B 51 -2.75 4.43 15.17
C ILE B 51 -2.51 3.86 16.56
N HIS B 52 -1.24 3.56 16.88
CA HIS B 52 -0.88 3.07 18.20
C HIS B 52 -1.00 4.20 19.22
N ASN B 53 -0.49 5.37 18.85
CA ASN B 53 -0.55 6.54 19.70
C ASN B 53 -1.98 6.95 19.99
N PHE B 54 -2.86 6.79 19.00
CA PHE B 54 -4.27 7.10 19.20
C PHE B 54 -4.90 6.06 20.12
N ALA B 55 -4.43 4.82 20.03
CA ALA B 55 -4.89 3.78 20.93
C ALA B 55 -4.39 4.06 22.35
N ILE B 56 -3.16 4.55 22.44
CA ILE B 56 -2.56 4.92 23.72
C ILE B 56 -3.32 6.10 24.33
N SER B 57 -3.74 7.04 23.49
CA SER B 57 -4.52 8.18 23.95
C SER B 57 -5.91 7.76 24.39
N MET B 58 -6.48 6.78 23.68
CA MET B 58 -7.80 6.25 24.05
C MET B 58 -7.73 5.43 25.32
N ALA B 59 -6.63 4.71 25.49
CA ALA B 59 -6.44 3.85 26.66
C ALA B 59 -6.35 4.67 27.94
N LYS B 60 -5.57 5.75 27.89
CA LYS B 60 -5.44 6.65 29.04
C LYS B 60 -6.79 7.30 29.35
N LEU B 61 -7.56 7.55 28.31
CA LEU B 61 -8.89 8.14 28.44
C LEU B 61 -9.90 7.10 28.93
N ALA B 62 -9.53 5.82 28.86
CA ALA B 62 -10.45 4.74 29.20
C ALA B 62 -10.45 4.41 30.69
N GLY B 63 -9.32 3.94 31.20
CA GLY B 63 -9.22 3.56 32.60
C GLY B 63 -7.79 3.42 33.09
N VAL B 68 -0.53 0.29 25.35
CA VAL B 68 -1.31 -0.63 24.53
C VAL B 68 -0.37 -1.65 23.90
N GLU B 69 -0.79 -2.92 23.94
CA GLU B 69 0.04 -4.00 23.41
C GLU B 69 -0.47 -4.48 22.05
N ASN B 70 0.45 -4.83 21.16
CA ASN B 70 0.08 -5.29 19.84
C ASN B 70 -0.46 -6.73 19.87
N ILE B 71 -1.60 -6.94 19.25
CA ILE B 71 -2.22 -8.26 19.20
C ILE B 71 -1.73 -9.02 17.97
N ALA B 72 -1.28 -8.27 16.97
CA ALA B 72 -0.76 -8.86 15.74
C ALA B 72 0.58 -9.55 15.98
N GLY B 73 0.99 -10.38 15.04
CA GLY B 73 2.26 -11.08 15.13
C GLY B 73 3.44 -10.12 15.08
N SER B 74 4.61 -10.59 15.52
CA SER B 74 5.80 -9.75 15.62
C SER B 74 6.34 -9.34 14.25
N HIS B 75 6.22 -10.23 13.27
CA HIS B 75 6.73 -9.97 11.93
C HIS B 75 5.60 -9.71 10.94
N ALA B 76 4.44 -9.38 11.46
CA ALA B 76 3.25 -9.18 10.63
C ALA B 76 3.31 -7.84 9.90
N ARG B 77 2.53 -7.73 8.82
CA ARG B 77 2.48 -6.50 8.03
C ARG B 77 1.77 -5.38 8.79
N PHE B 78 0.67 -5.71 9.43
CA PHE B 78 -0.11 -4.73 10.17
C PHE B 78 -0.01 -4.94 11.68
N VAL B 79 -0.40 -3.91 12.43
CA VAL B 79 -0.50 -4.03 13.87
C VAL B 79 -1.97 -4.09 14.26
N LEU B 80 -2.23 -4.55 15.48
CA LEU B 80 -3.60 -4.64 15.97
C LEU B 80 -3.69 -4.36 17.46
N TYR B 81 -4.49 -3.38 17.83
CA TYR B 81 -4.70 -3.04 19.22
C TYR B 81 -6.18 -3.05 19.56
N LYS B 82 -6.50 -3.26 20.84
CA LYS B 82 -7.89 -3.23 21.27
C LYS B 82 -8.06 -2.46 22.58
N VAL B 83 -8.84 -1.38 22.52
CA VAL B 83 -9.20 -0.63 23.72
C VAL B 83 -10.71 -0.72 23.93
N ASP B 84 -11.11 -1.49 24.95
CA ASP B 84 -12.52 -1.76 25.22
C ASP B 84 -13.24 -2.30 23.99
N HIS B 85 -14.18 -1.52 23.48
CA HIS B 85 -15.01 -1.96 22.35
C HIS B 85 -14.49 -1.43 21.02
N ILE B 86 -13.24 -0.99 21.01
CA ILE B 86 -12.63 -0.44 19.80
C ILE B 86 -11.42 -1.25 19.35
N LEU B 87 -11.35 -1.53 18.05
CA LEU B 87 -10.17 -2.15 17.46
C LEU B 87 -9.32 -1.10 16.77
N PHE B 88 -8.00 -1.30 16.79
CA PHE B 88 -7.07 -0.37 16.15
C PHE B 88 -6.12 -1.14 15.23
N ALA B 89 -6.02 -0.69 13.99
CA ALA B 89 -5.15 -1.33 13.02
C ALA B 89 -4.72 -0.34 11.95
N ASP B 90 -3.56 -0.58 11.35
CA ASP B 90 -3.10 0.25 10.24
C ASP B 90 -3.44 -0.44 8.92
N HIS B 91 -3.43 0.33 7.83
CA HIS B 91 -3.80 -0.23 6.53
C HIS B 91 -2.82 0.17 5.43
N GLY B 92 -1.72 0.81 5.81
CA GLY B 92 -0.74 1.26 4.84
C GLY B 92 -1.32 2.31 3.93
N MET B 93 -0.80 2.40 2.70
CA MET B 93 -1.24 3.42 1.77
C MET B 93 -1.81 2.82 0.49
N GLY B 94 -2.98 3.30 0.09
CA GLY B 94 -3.59 2.85 -1.15
C GLY B 94 -4.67 1.81 -0.97
N ILE B 95 -5.57 1.74 -1.94
CA ILE B 95 -6.70 0.82 -1.92
C ILE B 95 -6.32 -0.67 -1.77
N PRO B 96 -5.34 -1.17 -2.54
CA PRO B 96 -5.00 -2.59 -2.39
C PRO B 96 -4.53 -2.93 -0.98
N SER B 97 -3.75 -2.05 -0.37
CA SER B 97 -3.28 -2.28 0.99
C SER B 97 -4.44 -2.24 1.98
N ALA B 98 -5.34 -1.27 1.78
CA ALA B 98 -6.51 -1.13 2.62
C ALA B 98 -7.39 -2.37 2.54
N LEU B 99 -7.56 -2.88 1.32
CA LEU B 99 -8.41 -4.05 1.07
C LEU B 99 -7.88 -5.29 1.77
N ILE B 100 -6.56 -5.39 1.89
CA ILE B 100 -5.96 -6.47 2.67
C ILE B 100 -6.38 -6.36 4.12
N MET B 101 -6.23 -5.16 4.68
CA MET B 101 -6.71 -4.90 6.04
C MET B 101 -8.20 -5.19 6.15
N LEU B 102 -8.97 -4.72 5.19
CA LEU B 102 -10.43 -4.84 5.24
C LEU B 102 -10.89 -6.29 5.20
N HIS B 103 -10.29 -7.08 4.31
CA HIS B 103 -10.67 -8.49 4.20
C HIS B 103 -10.43 -9.25 5.49
N GLU B 104 -9.26 -9.05 6.10
CA GLU B 104 -8.89 -9.84 7.27
C GLU B 104 -9.54 -9.32 8.56
N VAL B 105 -9.74 -8.01 8.66
CA VAL B 105 -10.43 -7.45 9.82
C VAL B 105 -11.90 -7.84 9.81
N THR B 106 -12.54 -7.75 8.64
CA THR B 106 -13.97 -8.05 8.55
C THR B 106 -14.22 -9.55 8.68
N LYS B 107 -13.21 -10.37 8.38
CA LYS B 107 -13.31 -11.80 8.65
C LYS B 107 -13.21 -12.03 10.16
N LEU B 108 -12.31 -11.29 10.81
CA LEU B 108 -12.17 -11.35 12.26
C LEU B 108 -13.51 -11.02 12.92
N LEU B 109 -14.15 -9.96 12.46
CA LEU B 109 -15.45 -9.55 12.99
C LEU B 109 -16.52 -10.62 12.75
N HIS B 110 -16.49 -11.23 11.57
CA HIS B 110 -17.43 -12.29 11.23
C HIS B 110 -17.30 -13.47 12.18
N TYR B 111 -16.07 -13.88 12.42
CA TYR B 111 -15.78 -14.99 13.34
C TYR B 111 -16.17 -14.63 14.78
N ALA B 112 -16.08 -13.34 15.10
CA ALA B 112 -16.36 -12.87 16.46
C ALA B 112 -17.86 -12.64 16.67
N GLY B 113 -18.62 -12.62 15.58
CA GLY B 113 -20.05 -12.41 15.65
C GLY B 113 -20.43 -10.94 15.78
N CYS B 114 -19.51 -10.06 15.40
CA CYS B 114 -19.76 -8.62 15.43
C CYS B 114 -20.64 -8.19 14.27
N LYS B 115 -21.73 -7.50 14.59
CA LYS B 115 -22.66 -7.03 13.58
C LYS B 115 -22.76 -5.49 13.59
N ASP B 116 -22.85 -4.91 12.40
CA ASP B 116 -23.06 -3.47 12.24
C ASP B 116 -21.98 -2.64 12.92
N VAL B 117 -20.74 -2.97 12.59
CA VAL B 117 -19.56 -2.29 13.10
C VAL B 117 -19.29 -1.04 12.24
N LEU B 118 -18.99 0.07 12.89
CA LEU B 118 -18.65 1.33 12.20
C LEU B 118 -17.13 1.41 12.03
N PHE B 119 -16.63 1.48 10.80
CA PHE B 119 -15.20 1.67 10.61
C PHE B 119 -14.85 3.15 10.52
N ILE B 120 -13.81 3.57 11.23
CA ILE B 120 -13.40 4.97 11.21
C ILE B 120 -11.96 5.16 10.72
N ARG B 121 -11.81 5.66 9.50
CA ARG B 121 -10.49 5.96 9.00
C ARG B 121 -10.05 7.36 9.45
N LEU B 122 -8.89 7.42 10.09
CA LEU B 122 -8.33 8.67 10.58
C LEU B 122 -7.06 9.03 9.83
N GLY B 123 -7.19 9.53 8.61
CA GLY B 123 -6.04 9.69 7.75
C GLY B 123 -5.60 11.13 7.52
N THR B 124 -4.65 11.28 6.61
CA THR B 124 -4.23 12.60 6.16
C THR B 124 -4.64 12.75 4.70
N SER B 125 -4.65 13.97 4.20
CA SER B 125 -5.13 14.22 2.85
C SER B 125 -4.66 15.55 2.32
N GLY B 126 -4.87 15.77 1.02
CA GLY B 126 -4.65 17.07 0.42
C GLY B 126 -5.97 17.80 0.39
N GLY B 127 -5.97 19.05 0.87
CA GLY B 127 -7.20 19.82 0.94
C GLY B 127 -7.51 20.53 -0.36
N LEU B 128 -8.80 20.80 -0.57
CA LEU B 128 -9.24 21.58 -1.71
C LEU B 128 -10.11 22.75 -1.26
N GLY B 129 -9.55 23.95 -1.30
CA GLY B 129 -10.29 25.14 -0.92
C GLY B 129 -10.44 25.29 0.58
N VAL B 130 -9.68 24.49 1.33
CA VAL B 130 -9.71 24.58 2.79
C VAL B 130 -8.31 24.76 3.36
N LYS B 131 -8.25 25.43 4.50
CA LYS B 131 -6.99 25.71 5.18
C LYS B 131 -6.30 24.42 5.61
N PRO B 132 -4.97 24.36 5.47
CA PRO B 132 -4.21 23.20 5.97
C PRO B 132 -4.44 23.00 7.46
N GLY B 133 -4.75 21.76 7.85
CA GLY B 133 -5.05 21.45 9.23
C GLY B 133 -6.54 21.27 9.44
N THR B 134 -7.30 21.36 8.35
CA THR B 134 -8.76 21.24 8.41
C THR B 134 -9.17 19.77 8.49
N ILE B 135 -10.10 19.47 9.40
CA ILE B 135 -10.69 18.14 9.47
C ILE B 135 -11.86 18.04 8.51
N VAL B 136 -11.75 17.12 7.55
CA VAL B 136 -12.81 16.93 6.58
C VAL B 136 -13.58 15.64 6.87
N LEU B 137 -14.88 15.79 7.10
CA LEU B 137 -15.75 14.65 7.28
C LEU B 137 -16.35 14.30 5.93
N SER B 138 -15.95 13.16 5.37
CA SER B 138 -16.44 12.74 4.07
C SER B 138 -17.94 12.48 4.11
N ASP B 139 -18.70 13.14 3.25
CA ASP B 139 -20.10 12.77 3.07
C ASP B 139 -20.23 11.89 1.84
N ARG B 140 -19.16 11.81 1.05
CA ARG B 140 -19.07 10.84 -0.03
C ARG B 140 -17.62 10.58 -0.42
N CYS B 141 -17.35 9.36 -0.86
CA CYS B 141 -16.04 8.98 -1.35
C CYS B 141 -16.13 8.57 -2.81
N VAL B 142 -15.39 9.28 -3.66
CA VAL B 142 -15.47 9.04 -5.10
C VAL B 142 -14.10 8.78 -5.71
N ASN B 143 -14.08 8.21 -6.90
CA ASN B 143 -12.82 8.01 -7.60
C ASN B 143 -12.42 9.30 -8.31
N THR B 144 -11.32 9.25 -9.07
CA THR B 144 -10.80 10.43 -9.74
C THR B 144 -11.75 10.97 -10.81
N LYS B 145 -12.72 10.15 -11.21
CA LYS B 145 -13.74 10.58 -12.16
C LYS B 145 -14.98 11.08 -11.42
N LEU B 146 -14.84 11.25 -10.10
CA LEU B 146 -15.92 11.69 -9.22
C LEU B 146 -17.09 10.71 -9.20
N GLU B 147 -16.80 9.43 -9.41
CA GLU B 147 -17.82 8.40 -9.34
C GLU B 147 -17.78 7.72 -7.97
N PRO B 148 -18.94 7.56 -7.33
CA PRO B 148 -19.06 6.97 -6.00
C PRO B 148 -18.94 5.44 -6.02
N TYR B 149 -17.88 4.94 -6.64
CA TYR B 149 -17.67 3.50 -6.75
C TYR B 149 -16.22 3.11 -6.54
N ASN B 150 -16.02 1.90 -6.03
CA ASN B 150 -14.71 1.28 -6.09
C ASN B 150 -14.72 0.31 -7.27
N GLU B 151 -13.64 0.33 -8.06
CA GLU B 151 -13.54 -0.55 -9.22
C GLU B 151 -12.60 -1.71 -8.92
N LEU B 152 -13.04 -2.92 -9.28
CA LEU B 152 -12.21 -4.10 -9.06
C LEU B 152 -12.17 -4.95 -10.32
N CYS B 153 -11.11 -5.74 -10.47
CA CYS B 153 -11.05 -6.71 -11.55
C CYS B 153 -10.97 -8.11 -10.95
N ILE B 154 -12.12 -8.76 -10.84
CA ILE B 154 -12.19 -10.07 -10.21
C ILE B 154 -12.28 -11.18 -11.26
N LEU B 155 -11.29 -12.07 -11.22
CA LEU B 155 -11.13 -13.12 -12.23
C LEU B 155 -11.10 -12.54 -13.64
N GLY B 156 -10.45 -11.38 -13.78
CA GLY B 156 -10.32 -10.73 -15.08
C GLY B 156 -11.59 -10.03 -15.54
N LYS B 157 -12.56 -9.90 -14.65
CA LYS B 157 -13.85 -9.28 -14.99
C LYS B 157 -14.09 -8.00 -14.20
N PRO B 158 -14.56 -6.95 -14.89
CA PRO B 158 -14.77 -5.63 -14.29
C PRO B 158 -15.93 -5.63 -13.30
N VAL B 159 -15.67 -5.19 -12.08
CA VAL B 159 -16.69 -5.15 -11.03
C VAL B 159 -16.72 -3.77 -10.38
N ARG B 160 -17.93 -3.24 -10.18
CA ARG B 160 -18.09 -1.94 -9.54
C ARG B 160 -18.92 -2.05 -8.27
N ARG B 161 -18.41 -1.45 -7.19
CA ARG B 161 -19.11 -1.45 -5.92
C ARG B 161 -19.27 -0.02 -5.38
N GLN B 162 -20.52 0.37 -5.17
CA GLN B 162 -20.85 1.74 -4.78
C GLN B 162 -20.37 2.06 -3.37
N THR B 163 -19.94 3.30 -3.18
CA THR B 163 -19.47 3.75 -1.88
C THR B 163 -20.65 4.31 -1.07
N ILE B 164 -20.71 3.93 0.20
CA ILE B 164 -21.76 4.40 1.10
C ILE B 164 -21.16 4.86 2.43
N VAL B 165 -21.22 6.16 2.68
CA VAL B 165 -20.76 6.72 3.94
C VAL B 165 -21.91 6.73 4.95
N ASP B 166 -21.61 6.36 6.21
CA ASP B 166 -22.60 6.44 7.29
C ASP B 166 -22.91 7.89 7.59
N LEU B 167 -23.86 8.46 6.85
CA LEU B 167 -24.16 9.88 6.94
C LEU B 167 -24.73 10.29 8.29
N ASN B 168 -25.42 9.36 8.96
CA ASN B 168 -25.97 9.62 10.28
C ASN B 168 -24.87 9.92 11.29
N THR B 169 -23.80 9.13 11.23
CA THR B 169 -22.67 9.30 12.14
C THR B 169 -21.89 10.56 11.76
N VAL B 170 -21.83 10.83 10.47
CA VAL B 170 -21.19 12.04 9.96
C VAL B 170 -21.86 13.30 10.51
N ASN B 171 -23.19 13.32 10.46
CA ASN B 171 -23.97 14.43 10.99
C ASN B 171 -23.72 14.64 12.48
N GLU B 172 -23.61 13.54 13.22
CA GLU B 172 -23.38 13.60 14.65
C GLU B 172 -21.97 14.11 14.97
N LEU B 173 -21.00 13.71 14.15
CA LEU B 173 -19.62 14.16 14.33
C LEU B 173 -19.50 15.66 14.15
N LYS B 174 -20.20 16.19 13.16
CA LYS B 174 -20.20 17.62 12.90
C LYS B 174 -20.77 18.38 14.10
N LYS B 175 -21.91 17.91 14.60
CA LYS B 175 -22.56 18.54 15.74
C LYS B 175 -21.66 18.50 16.97
N LEU B 176 -20.94 17.40 17.14
CA LEU B 176 -20.04 17.25 18.29
C LEU B 176 -18.89 18.26 18.21
N SER B 177 -18.35 18.46 17.00
CA SER B 177 -17.23 19.38 16.80
C SER B 177 -17.62 20.82 17.11
N GLU B 178 -18.91 21.13 16.99
CA GLU B 178 -19.41 22.47 17.27
C GLU B 178 -19.51 22.72 18.77
N ASN B 179 -19.46 21.64 19.55
CA ASN B 179 -19.56 21.73 21.00
C ASN B 179 -18.22 21.44 21.67
N LEU B 180 -17.15 21.43 20.87
CA LEU B 180 -15.81 21.17 21.39
C LEU B 180 -14.86 22.34 21.10
N LEU B 182 -11.68 22.84 19.45
CA LEU B 182 -11.55 22.76 18.00
C LEU B 182 -11.14 24.10 17.41
N GLU B 183 -9.84 24.34 17.34
CA GLU B 183 -9.32 25.55 16.74
C GLU B 183 -9.44 25.48 15.22
N CYS B 184 -9.24 24.29 14.68
CA CYS B 184 -9.37 24.07 13.24
C CYS B 184 -10.84 24.06 12.83
N SER B 185 -11.08 24.09 11.52
CA SER B 185 -12.43 23.95 10.99
C SER B 185 -12.75 22.47 10.79
N VAL B 186 -14.04 22.14 10.85
CA VAL B 186 -14.51 20.80 10.53
C VAL B 186 -15.52 20.86 9.41
N VAL B 187 -15.10 20.44 8.23
CA VAL B 187 -15.90 20.60 7.01
C VAL B 187 -16.46 19.25 6.54
N VAL B 188 -17.74 19.24 6.17
CA VAL B 188 -18.33 18.04 5.57
C VAL B 188 -18.34 18.20 4.06
N GLY B 189 -17.61 17.33 3.37
CA GLY B 189 -17.47 17.44 1.92
C GLY B 189 -17.06 16.14 1.26
N GLY B 190 -17.05 16.14 -0.06
CA GLY B 190 -16.66 14.96 -0.83
C GLY B 190 -15.18 14.68 -0.73
N THR B 191 -14.80 13.42 -0.93
CA THR B 191 -13.43 12.98 -0.82
C THR B 191 -13.02 12.08 -1.99
N ILE B 192 -11.97 12.48 -2.71
CA ILE B 192 -11.49 11.67 -3.82
C ILE B 192 -10.43 10.67 -3.38
N ALA B 193 -10.63 9.40 -3.74
CA ALA B 193 -9.61 8.39 -3.54
C ALA B 193 -8.84 8.20 -4.84
N ALA B 194 -7.52 8.25 -4.77
CA ALA B 194 -6.68 8.11 -5.96
C ALA B 194 -5.69 6.96 -5.79
N ASN B 195 -5.29 6.37 -6.91
CA ASN B 195 -4.38 5.22 -6.91
C ASN B 195 -2.92 5.63 -7.06
N ASP B 196 -2.63 6.87 -6.67
CA ASP B 196 -1.28 7.42 -6.73
C ASP B 196 -1.25 8.74 -5.98
N PHE B 197 -0.11 9.06 -5.37
CA PHE B 197 0.01 10.30 -4.60
C PHE B 197 0.23 11.51 -5.50
N TYR B 198 0.81 11.28 -6.68
CA TYR B 198 1.26 12.37 -7.52
C TYR B 198 0.40 12.59 -8.78
N GLU B 199 0.59 11.79 -9.81
CA GLU B 199 -0.09 12.01 -11.09
C GLU B 199 -1.62 11.95 -11.00
N GLU B 200 -2.14 10.93 -10.31
CA GLU B 200 -3.59 10.78 -10.19
C GLU B 200 -4.23 11.88 -9.34
N GLN B 201 -3.40 12.53 -8.51
CA GLN B 201 -3.88 13.60 -7.66
C GLN B 201 -3.56 14.96 -8.26
N GLY B 202 -3.17 14.95 -9.53
CA GLY B 202 -2.95 16.17 -10.27
C GLY B 202 -1.73 16.97 -9.83
N ARG B 203 -0.80 16.30 -9.16
CA ARG B 203 0.44 16.96 -8.75
C ARG B 203 1.39 17.15 -9.93
N LEU B 204 2.10 18.27 -9.93
CA LEU B 204 3.06 18.56 -11.00
C LEU B 204 4.47 18.19 -10.58
N ASP B 205 4.65 17.83 -9.32
CA ASP B 205 5.97 17.61 -8.77
C ASP B 205 6.33 16.13 -8.61
N GLY B 206 5.70 15.29 -9.42
CA GLY B 206 6.04 13.87 -9.45
C GLY B 206 7.21 13.64 -10.38
N SER B 207 7.64 12.39 -10.52
CA SER B 207 8.74 12.06 -11.41
C SER B 207 8.28 12.09 -12.87
N ILE B 208 6.96 12.01 -13.06
CA ILE B 208 6.37 12.08 -14.38
C ILE B 208 5.18 13.04 -14.35
N CYS B 209 5.05 13.88 -15.38
CA CYS B 209 3.92 14.79 -15.47
C CYS B 209 3.54 15.03 -16.92
N THR B 210 2.33 14.59 -17.29
CA THR B 210 1.89 14.61 -18.68
C THR B 210 0.85 15.68 -18.96
N PHE B 211 0.53 16.49 -17.95
CA PHE B 211 -0.51 17.51 -18.10
C PHE B 211 0.00 18.89 -17.74
N SER B 212 -0.73 19.91 -18.20
CA SER B 212 -0.39 21.30 -17.90
C SER B 212 -1.07 21.75 -16.61
N LYS B 213 -0.66 22.90 -16.10
CA LYS B 213 -1.27 23.43 -14.87
C LYS B 213 -2.68 23.92 -15.17
N GLU B 214 -2.90 24.37 -16.41
CA GLU B 214 -4.22 24.78 -16.85
C GLU B 214 -5.19 23.60 -16.78
N GLU B 215 -4.74 22.44 -17.25
CA GLU B 215 -5.53 21.23 -17.18
C GLU B 215 -5.64 20.75 -15.74
N LYS B 216 -4.56 20.96 -14.99
CA LYS B 216 -4.53 20.61 -13.57
C LYS B 216 -5.54 21.43 -12.78
N LEU B 217 -5.49 22.74 -12.95
CA LEU B 217 -6.39 23.66 -12.27
C LEU B 217 -7.83 23.34 -12.63
N ALA B 218 -8.09 23.14 -13.91
CA ALA B 218 -9.42 22.78 -14.39
C ALA B 218 -9.92 21.52 -13.69
N PHE B 219 -9.00 20.59 -13.43
CA PHE B 219 -9.35 19.33 -12.78
C PHE B 219 -9.66 19.51 -11.30
N LEU B 220 -8.81 20.24 -10.59
CA LEU B 220 -8.98 20.43 -9.16
C LEU B 220 -10.11 21.40 -8.83
N GLN B 221 -10.27 22.44 -9.65
CA GLN B 221 -11.33 23.41 -9.44
C GLN B 221 -12.69 22.78 -9.71
N SER B 222 -12.77 21.95 -10.75
CA SER B 222 -14.02 21.27 -11.09
C SER B 222 -14.34 20.19 -10.07
N ALA B 223 -13.35 19.82 -9.27
CA ALA B 223 -13.58 18.89 -8.16
C ALA B 223 -14.19 19.63 -6.99
N TYR B 224 -13.57 20.77 -6.67
CA TYR B 224 -14.03 21.62 -5.58
C TYR B 224 -15.48 22.01 -5.74
N GLU B 225 -15.82 22.55 -6.91
CA GLU B 225 -17.17 23.04 -7.15
C GLU B 225 -18.18 21.91 -7.14
N HIS B 226 -17.67 20.68 -7.17
CA HIS B 226 -18.52 19.50 -7.06
C HIS B 226 -18.61 19.04 -5.61
N GLY B 227 -18.06 19.83 -4.70
CA GLY B 227 -18.20 19.55 -3.28
C GLY B 227 -17.02 18.82 -2.66
N ILE B 228 -16.03 18.49 -3.50
CA ILE B 228 -14.84 17.81 -3.00
C ILE B 228 -14.00 18.77 -2.18
N ARG B 229 -13.61 18.35 -0.99
CA ARG B 229 -12.81 19.21 -0.12
C ARG B 229 -11.45 18.61 0.19
N ASN B 230 -11.29 17.31 -0.03
CA ASN B 230 -10.00 16.69 0.19
C ASN B 230 -9.74 15.47 -0.69
N MET B 231 -8.50 15.01 -0.66
CA MET B 231 -8.05 13.96 -1.56
C MET B 231 -7.09 13.01 -0.84
N GLU B 232 -7.42 11.72 -0.85
CA GLU B 232 -6.58 10.71 -0.23
C GLU B 232 -6.57 9.45 -1.09
N MET B 233 -6.25 8.30 -0.52
CA MET B 233 -5.96 7.14 -1.36
C MET B 233 -6.68 5.83 -0.97
N GLU B 234 -7.57 5.87 0.01
CA GLU B 234 -8.22 4.63 0.46
C GLU B 234 -9.74 4.70 0.59
N GLY B 235 -10.30 5.91 0.49
CA GLY B 235 -11.71 6.14 0.79
C GLY B 235 -12.71 5.21 0.11
N THR B 236 -12.62 5.09 -1.21
CA THR B 236 -13.56 4.30 -1.99
C THR B 236 -13.51 2.81 -1.64
N ALA B 237 -12.35 2.35 -1.18
CA ALA B 237 -12.21 0.96 -0.75
C ALA B 237 -13.00 0.72 0.53
N ILE B 238 -12.75 1.56 1.53
CA ILE B 238 -13.34 1.39 2.85
C ILE B 238 -14.86 1.58 2.89
N THR B 239 -15.35 2.60 2.20
CA THR B 239 -16.77 2.94 2.26
C THR B 239 -17.61 2.11 1.29
N SER B 240 -16.94 1.23 0.54
CA SER B 240 -17.67 0.29 -0.32
C SER B 240 -17.60 -1.11 0.25
N HIS B 241 -16.48 -1.45 0.89
CA HIS B 241 -16.28 -2.78 1.46
C HIS B 241 -17.12 -3.02 2.70
N CYS B 242 -17.17 -2.04 3.60
CA CYS B 242 -17.87 -2.22 4.86
C CYS B 242 -19.38 -2.38 4.64
N TYR B 243 -19.95 -1.55 3.77
CA TYR B 243 -21.36 -1.66 3.41
C TYR B 243 -21.69 -3.04 2.85
N LEU B 244 -20.79 -3.57 2.03
CA LEU B 244 -21.01 -4.88 1.41
C LEU B 244 -20.90 -6.01 2.44
N THR B 245 -20.16 -5.77 3.51
CA THR B 245 -20.00 -6.77 4.56
C THR B 245 -20.94 -6.49 5.74
N GLY B 246 -21.94 -5.64 5.52
CA GLY B 246 -22.95 -5.37 6.52
C GLY B 246 -22.49 -4.45 7.63
N HIS B 247 -21.49 -3.63 7.34
CA HIS B 247 -20.95 -2.71 8.34
C HIS B 247 -21.06 -1.26 7.89
N ARG B 248 -20.61 -0.34 8.74
CA ARG B 248 -20.66 1.09 8.44
C ARG B 248 -19.25 1.67 8.43
N ALA B 249 -19.07 2.74 7.67
CA ALA B 249 -17.76 3.37 7.57
C ALA B 249 -17.85 4.89 7.39
N ILE B 250 -16.90 5.60 7.98
CA ILE B 250 -16.74 7.04 7.78
C ILE B 250 -15.27 7.39 7.60
N LEU B 251 -15.00 8.49 6.93
CA LEU B 251 -13.65 9.03 6.85
C LEU B 251 -13.53 10.32 7.63
N VAL B 252 -12.53 10.40 8.50
CA VAL B 252 -12.21 11.62 9.23
C VAL B 252 -10.75 11.96 8.99
N CYS B 253 -10.49 12.78 7.98
CA CYS B 253 -9.12 13.07 7.55
C CYS B 253 -8.75 14.54 7.67
N VAL B 254 -7.56 14.79 8.18
CA VAL B 254 -7.02 16.15 8.23
C VAL B 254 -6.34 16.47 6.90
N THR B 255 -6.27 17.75 6.56
CA THR B 255 -5.58 18.18 5.34
C THR B 255 -4.18 18.70 5.68
N ALA B 256 -3.21 18.44 4.81
CA ALA B 256 -1.84 18.83 5.08
C ALA B 256 -1.37 19.89 4.08
N VAL B 257 -2.22 20.19 3.12
CA VAL B 257 -1.90 21.18 2.09
C VAL B 257 -3.20 21.60 1.39
N ASN B 258 -3.22 22.81 0.85
CA ASN B 258 -4.33 23.24 0.01
C ASN B 258 -3.91 23.08 -1.45
N ARG B 259 -4.43 22.04 -2.09
CA ARG B 259 -4.02 21.68 -3.45
C ARG B 259 -4.38 22.74 -4.48
N LEU B 260 -5.27 23.65 -4.11
CA LEU B 260 -5.62 24.76 -4.99
C LEU B 260 -4.50 25.81 -5.00
N GLU B 261 -3.54 25.64 -4.10
CA GLU B 261 -2.43 26.57 -3.99
C GLU B 261 -1.09 25.92 -4.37
N GLY B 262 -0.92 24.67 -3.99
CA GLY B 262 0.33 23.98 -4.26
C GLY B 262 0.26 22.47 -4.14
N ASP B 263 1.36 21.80 -4.45
CA ASP B 263 1.42 20.34 -4.41
C ASP B 263 2.30 19.83 -3.27
N GLN B 264 3.37 20.56 -3.00
CA GLN B 264 4.35 20.15 -1.99
C GLN B 264 3.76 20.19 -0.58
N ILE B 265 4.23 19.29 0.27
CA ILE B 265 3.88 19.31 1.68
C ILE B 265 4.93 20.12 2.43
N THR B 266 4.72 21.44 2.47
CA THR B 266 5.75 22.36 2.96
C THR B 266 5.74 22.54 4.48
N ILE B 267 4.71 22.04 5.14
CA ILE B 267 4.64 22.13 6.60
C ILE B 267 5.66 21.19 7.23
N SER B 268 6.10 21.53 8.45
CA SER B 268 7.13 20.75 9.13
C SER B 268 6.59 19.41 9.61
N THR B 269 7.50 18.53 10.01
CA THR B 269 7.12 17.21 10.50
C THR B 269 6.34 17.32 11.80
N ASP B 270 6.80 18.19 12.70
CA ASP B 270 6.12 18.45 13.97
C ASP B 270 4.70 18.94 13.71
N GLU B 271 4.56 19.84 12.75
CA GLU B 271 3.27 20.42 12.40
C GLU B 271 2.38 19.38 11.72
N PHE B 272 3.00 18.51 10.92
CA PHE B 272 2.25 17.43 10.27
C PHE B 272 1.70 16.48 11.33
N THR B 273 2.54 16.16 12.32
CA THR B 273 2.15 15.27 13.40
C THR B 273 0.99 15.85 14.19
N LEU B 274 1.07 17.14 14.49
CA LEU B 274 -0.01 17.83 15.19
C LEU B 274 -1.30 17.79 14.37
N PHE B 275 -1.19 18.04 13.07
CA PHE B 275 -2.34 18.00 12.18
C PHE B 275 -2.91 16.58 12.13
N ALA B 276 -2.04 15.59 12.03
CA ALA B 276 -2.44 14.20 11.89
C ALA B 276 -3.17 13.67 13.13
N GLN B 277 -2.89 14.27 14.28
CA GLN B 277 -3.51 13.85 15.53
C GLN B 277 -4.87 14.50 15.76
N ARG B 278 -5.21 15.46 14.90
CA ARG B 278 -6.49 16.19 15.04
C ARG B 278 -7.75 15.34 14.80
N PRO B 279 -7.73 14.45 13.79
CA PRO B 279 -8.91 13.58 13.67
C PRO B 279 -9.14 12.76 14.93
N GLY B 280 -8.06 12.25 15.51
CA GLY B 280 -8.13 11.47 16.73
C GLY B 280 -8.80 12.22 17.87
N GLN B 281 -8.51 13.52 17.98
CA GLN B 281 -9.09 14.35 19.03
C GLN B 281 -10.61 14.38 18.94
N LEU B 282 -11.12 14.51 17.73
CA LEU B 282 -12.57 14.55 17.52
C LEU B 282 -13.19 13.18 17.70
N VAL B 283 -12.60 12.18 17.06
CA VAL B 283 -13.11 10.81 17.12
C VAL B 283 -13.07 10.27 18.55
N GLY B 284 -12.01 10.60 19.27
CA GLY B 284 -11.83 10.12 20.64
C GLY B 284 -12.98 10.51 21.54
N GLU B 285 -13.42 11.76 21.43
CA GLU B 285 -14.55 12.26 22.20
C GLU B 285 -15.86 11.59 21.79
N TYR B 286 -16.04 11.43 20.49
CA TYR B 286 -17.21 10.73 19.96
C TYR B 286 -17.32 9.34 20.56
N LEU B 287 -16.20 8.61 20.52
CA LEU B 287 -16.15 7.25 21.05
C LEU B 287 -16.48 7.24 22.55
N LYS B 288 -16.05 8.27 23.26
CA LYS B 288 -16.33 8.38 24.68
C LYS B 288 -17.83 8.55 24.96
N ARG B 289 -18.52 9.28 24.09
CA ARG B 289 -19.92 9.62 24.30
C ARG B 289 -20.87 8.66 23.60
N ASN B 290 -20.31 7.69 22.88
CA ASN B 290 -21.12 6.70 22.19
C ASN B 290 -20.74 5.27 22.57
N ASN B 291 -20.33 5.11 23.84
CA ASN B 291 -20.02 3.80 24.40
C ASN B 291 -18.87 3.11 23.66
N GLY B 292 -17.87 3.89 23.26
CA GLY B 292 -16.69 3.36 22.62
C GLY B 292 -15.73 2.80 23.64
N ILE B 293 -15.61 3.50 24.78
CA ILE B 293 -14.77 3.02 25.88
C ILE B 293 -15.58 3.00 27.18
S SO4 C . 6.45 -8.34 -0.57
O1 SO4 C . 6.85 -9.32 0.44
O2 SO4 C . 5.48 -7.42 0.01
O3 SO4 C . 7.63 -7.59 -1.02
O4 SO4 C . 5.86 -9.03 -1.71
N1 TDR D . 1.75 -11.62 -2.21
C2 TDR D . 0.68 -11.71 -3.01
O2 TDR D . 0.29 -10.73 -3.63
N3 TDR D . 0.01 -12.87 -3.11
C4 TDR D . 0.38 -13.96 -2.45
O4 TDR D . -0.25 -14.99 -2.56
C5 TDR D . 1.48 -13.91 -1.61
CM5 TDR D . 1.93 -15.13 -0.84
C6 TDR D . 2.18 -12.70 -1.50
S SO4 E . -2.85 8.23 6.18
O1 SO4 E . -3.65 7.61 7.25
O2 SO4 E . -3.73 8.77 5.16
O3 SO4 E . -2.07 9.32 6.77
O4 SO4 E . -1.96 7.24 5.60
N1 TDR F . -2.56 11.81 1.31
C2 TDR F . -2.90 11.94 0.00
O2 TDR F . -3.37 11.00 -0.60
N3 TDR F . -2.70 13.11 -0.60
C4 TDR F . -2.17 14.17 0.02
O4 TDR F . -2.01 15.21 -0.58
C5 TDR F . -1.81 14.07 1.35
CM5 TDR F . -1.22 15.25 2.08
C6 TDR F . -2.02 12.85 2.00
#